data_9JZT
#
_entry.id   9JZT
#
_cell.length_a   103.944
_cell.length_b   103.944
_cell.length_c   77.216
_cell.angle_alpha   90.00
_cell.angle_beta   90.00
_cell.angle_gamma   90.00
#
_symmetry.space_group_name_H-M   'P 42 21 2'
#
loop_
_entity.id
_entity.type
_entity.pdbx_description
1 polymer 'Zinc finger and BTB domain-containing protein 20'
2 polymer "DNA (5'-D(*CP*TP*TP*CP*CP*TP*TP*AP*CP*GP*TP*TP*GP*AP*AP*G)-3')"
3 polymer "DNA (5'-D(*GP*CP*TP*TP*CP*AP*AP*CP*GP*TP*AP*AP*GP*GP*AP*A)-3')"
4 non-polymer 'ZINC ION'
5 water water
#
loop_
_entity_poly.entity_id
_entity_poly.type
_entity_poly.pdbx_seq_one_letter_code
_entity_poly.pdbx_strand_id
1 'polypeptide(L)'
;GPHMKPYECTLCNKTFTAKQNYVKHMFVHTGEKPHQCSICWRSFSLKDYLIKHMVTHTGVRAYQCSICNKRFTQKSSLNV
HMRLHRGEKSYECYICKKKFSHKTLLERHVALHSASNG
;
A
2 'polydeoxyribonucleotide' (DC)(DT)(DT)(DC)(DC)(DT)(DT)(DA)(DC)(DG)(DT)(DT)(DG)(DA)(DA)(DG) B
3 'polydeoxyribonucleotide' (DG)(DC)(DT)(DT)(DC)(DA)(DA)(DC)(DG)(DT)(DA)(DA)(DG)(DG)(DA)(DA) C
#
loop_
_chem_comp.id
_chem_comp.type
_chem_comp.name
_chem_comp.formula
DA DNA linking 2'-DEOXYADENOSINE-5'-MONOPHOSPHATE 'C10 H14 N5 O6 P'
DC DNA linking 2'-DEOXYCYTIDINE-5'-MONOPHOSPHATE 'C9 H14 N3 O7 P'
DG DNA linking 2'-DEOXYGUANOSINE-5'-MONOPHOSPHATE 'C10 H14 N5 O7 P'
DT DNA linking THYMIDINE-5'-MONOPHOSPHATE 'C10 H15 N2 O8 P'
ZN non-polymer 'ZINC ION' 'Zn 2'
#
# COMPACT_ATOMS: atom_id res chain seq x y z
N PRO A 6 -2.57 -28.58 2.02
CA PRO A 6 -2.12 -29.98 2.08
C PRO A 6 -0.73 -30.17 1.49
N TYR A 7 -0.25 -29.16 0.76
CA TYR A 7 1.06 -29.19 0.15
C TYR A 7 2.07 -28.48 1.06
N GLU A 8 3.21 -29.12 1.28
CA GLU A 8 4.22 -28.64 2.21
C GLU A 8 5.57 -28.59 1.52
N CYS A 9 6.38 -27.60 1.88
CA CYS A 9 7.73 -27.46 1.33
C CYS A 9 8.70 -28.24 2.22
N THR A 10 9.44 -29.17 1.61
CA THR A 10 10.43 -29.94 2.36
C THR A 10 11.46 -29.03 3.02
N LEU A 11 11.89 -28.00 2.29
CA LEU A 11 12.98 -27.15 2.74
C LEU A 11 12.54 -26.18 3.83
N CYS A 12 11.82 -25.12 3.46
CA CYS A 12 11.47 -24.07 4.41
C CYS A 12 10.25 -24.41 5.25
N ASN A 13 9.64 -25.59 5.06
CA ASN A 13 8.47 -26.02 5.83
C ASN A 13 7.35 -24.97 5.79
N LYS A 14 6.63 -24.91 4.68
CA LYS A 14 5.51 -24.00 4.54
C LYS A 14 4.39 -24.70 3.79
N THR A 15 3.15 -24.48 4.25
CA THR A 15 1.98 -25.11 3.68
C THR A 15 1.31 -24.18 2.67
N PHE A 16 0.85 -24.77 1.56
CA PHE A 16 0.17 -24.03 0.51
C PHE A 16 -1.23 -24.61 0.29
N THR A 17 -2.16 -23.72 -0.07
CA THR A 17 -3.53 -24.15 -0.31
C THR A 17 -3.64 -24.98 -1.59
N ALA A 18 -3.15 -24.46 -2.70
CA ALA A 18 -3.27 -25.09 -4.00
C ALA A 18 -1.92 -25.64 -4.45
N LYS A 19 -1.94 -26.32 -5.60
CA LYS A 19 -0.72 -26.89 -6.16
C LYS A 19 0.05 -25.87 -6.98
N GLN A 20 -0.63 -24.84 -7.51
CA GLN A 20 0.04 -23.84 -8.33
C GLN A 20 1.08 -23.08 -7.53
N ASN A 21 0.68 -22.51 -6.40
CA ASN A 21 1.64 -21.82 -5.54
C ASN A 21 2.69 -22.77 -4.99
N TYR A 22 2.35 -24.05 -4.82
CA TYR A 22 3.32 -25.02 -4.37
C TYR A 22 4.38 -25.28 -5.45
N VAL A 23 3.93 -25.45 -6.69
CA VAL A 23 4.87 -25.68 -7.78
C VAL A 23 5.75 -24.45 -8.01
N LYS A 24 5.14 -23.27 -7.98
CA LYS A 24 5.91 -22.04 -8.19
C LYS A 24 6.96 -21.86 -7.08
N HIS A 25 6.56 -22.09 -5.83
CA HIS A 25 7.47 -21.90 -4.70
C HIS A 25 8.70 -22.80 -4.83
N MET A 26 8.53 -24.02 -5.34
CA MET A 26 9.67 -24.91 -5.50
C MET A 26 10.57 -24.46 -6.63
N PHE A 27 10.02 -23.82 -7.65
CA PHE A 27 10.86 -23.32 -8.74
C PHE A 27 11.70 -22.13 -8.29
N VAL A 28 11.12 -21.25 -7.47
CA VAL A 28 11.88 -20.12 -6.95
C VAL A 28 13.07 -20.61 -6.13
N HIS A 29 12.93 -21.75 -5.45
CA HIS A 29 14.04 -22.33 -4.72
C HIS A 29 15.21 -22.66 -5.64
N THR A 30 14.93 -23.05 -6.88
CA THR A 30 15.99 -23.42 -7.82
C THR A 30 16.81 -22.22 -8.26
N GLY A 31 16.45 -21.00 -7.84
CA GLY A 31 17.18 -19.82 -8.24
C GLY A 31 17.13 -19.46 -9.71
N GLU A 32 16.53 -20.31 -10.55
CA GLU A 32 16.51 -20.06 -11.98
C GLU A 32 15.57 -18.88 -12.28
N LYS A 33 16.00 -18.02 -13.20
CA LYS A 33 15.23 -16.86 -13.62
C LYS A 33 15.16 -16.82 -15.14
N PRO A 34 14.11 -17.39 -15.73
CA PRO A 34 13.99 -17.47 -17.19
C PRO A 34 13.16 -16.38 -17.86
N HIS A 35 12.52 -15.50 -17.10
CA HIS A 35 11.70 -14.42 -17.64
C HIS A 35 12.51 -13.13 -17.61
N GLN A 36 12.92 -12.67 -18.78
CA GLN A 36 13.83 -11.54 -18.90
C GLN A 36 13.14 -10.35 -19.54
N CYS A 37 13.39 -9.17 -18.98
CA CYS A 37 12.91 -7.92 -19.54
C CYS A 37 13.78 -7.53 -20.73
N SER A 38 13.18 -7.42 -21.91
CA SER A 38 13.94 -7.12 -23.12
C SER A 38 14.29 -5.64 -23.26
N ILE A 39 14.21 -4.86 -22.18
CA ILE A 39 14.62 -3.46 -22.18
C ILE A 39 15.88 -3.25 -21.34
N CYS A 40 15.85 -3.67 -20.08
CA CYS A 40 16.99 -3.54 -19.19
C CYS A 40 17.74 -4.85 -18.97
N TRP A 41 17.19 -5.98 -19.42
CA TRP A 41 17.82 -7.29 -19.41
C TRP A 41 17.99 -7.89 -18.02
N ARG A 42 17.16 -7.48 -17.07
CA ARG A 42 17.07 -8.19 -15.80
C ARG A 42 16.17 -9.40 -15.94
N SER A 43 16.43 -10.43 -15.15
CA SER A 43 15.69 -11.67 -15.20
C SER A 43 14.87 -11.86 -13.94
N PHE A 44 13.76 -12.60 -14.08
CA PHE A 44 12.83 -12.82 -12.99
C PHE A 44 12.41 -14.29 -12.98
N SER A 45 12.12 -14.80 -11.79
CA SER A 45 11.80 -16.22 -11.64
C SER A 45 10.43 -16.54 -12.19
N LEU A 46 9.45 -15.65 -12.02
CA LEU A 46 8.09 -15.86 -12.49
C LEU A 46 7.70 -14.77 -13.46
N LYS A 47 6.82 -15.13 -14.41
CA LYS A 47 6.40 -14.16 -15.42
C LYS A 47 5.59 -13.02 -14.81
N ASP A 48 4.75 -13.34 -13.81
CA ASP A 48 3.96 -12.30 -13.16
C ASP A 48 4.86 -11.22 -12.56
N TYR A 49 6.03 -11.61 -12.05
CA TYR A 49 6.99 -10.63 -11.57
C TYR A 49 7.46 -9.72 -12.70
N LEU A 50 7.84 -10.32 -13.83
CA LEU A 50 8.32 -9.55 -14.98
C LEU A 50 7.23 -8.61 -15.49
N ILE A 51 5.98 -9.07 -15.49
CA ILE A 51 4.87 -8.22 -15.93
C ILE A 51 4.80 -6.96 -15.08
N LYS A 52 5.02 -7.10 -13.77
CA LYS A 52 5.04 -5.93 -12.90
C LYS A 52 6.26 -5.05 -13.14
N HIS A 53 7.39 -5.65 -13.51
CA HIS A 53 8.60 -4.87 -13.72
C HIS A 53 8.49 -3.99 -14.96
N MET A 54 7.75 -4.43 -15.98
CA MET A 54 7.67 -3.68 -17.22
C MET A 54 7.03 -2.31 -17.03
N VAL A 55 6.32 -2.11 -15.92
CA VAL A 55 5.73 -0.80 -15.65
C VAL A 55 6.81 0.24 -15.40
N THR A 56 7.99 -0.19 -14.94
CA THR A 56 9.07 0.74 -14.65
C THR A 56 9.65 1.37 -15.92
N HIS A 57 9.40 0.78 -17.07
CA HIS A 57 9.83 1.34 -18.35
C HIS A 57 8.71 2.09 -19.06
N THR A 58 7.50 1.55 -19.06
CA THR A 58 6.38 2.20 -19.73
C THR A 58 5.94 3.46 -19.00
N GLY A 59 6.02 3.47 -17.68
CA GLY A 59 5.58 4.61 -16.90
C GLY A 59 4.09 4.72 -16.70
N VAL A 60 3.32 3.70 -17.11
CA VAL A 60 1.88 3.73 -16.93
C VAL A 60 1.54 3.66 -15.45
N ARG A 61 0.53 4.43 -15.04
CA ARG A 61 0.05 4.44 -13.66
C ARG A 61 -1.44 4.11 -13.71
N ALA A 62 -1.73 2.81 -13.76
CA ALA A 62 -3.10 2.35 -13.97
C ALA A 62 -3.93 2.32 -12.69
N TYR A 63 -3.32 2.51 -11.53
CA TYR A 63 -3.98 2.37 -10.24
C TYR A 63 -4.21 3.76 -9.66
N GLN A 64 -5.43 4.26 -9.78
CA GLN A 64 -5.78 5.62 -9.38
C GLN A 64 -6.65 5.58 -8.13
N CYS A 65 -6.32 6.43 -7.16
CA CYS A 65 -7.15 6.57 -5.97
C CYS A 65 -8.47 7.25 -6.31
N SER A 66 -9.56 6.72 -5.76
CA SER A 66 -10.87 7.28 -6.04
C SER A 66 -11.10 8.62 -5.35
N ILE A 67 -10.25 8.97 -4.39
CA ILE A 67 -10.45 10.20 -3.61
C ILE A 67 -9.64 11.34 -4.20
N CYS A 68 -8.31 11.26 -4.11
CA CYS A 68 -7.44 12.33 -4.56
C CYS A 68 -7.01 12.17 -6.02
N ASN A 69 -7.47 11.13 -6.70
CA ASN A 69 -7.25 10.91 -8.14
C ASN A 69 -5.78 10.73 -8.51
N LYS A 70 -4.89 10.55 -7.54
CA LYS A 70 -3.49 10.33 -7.83
C LYS A 70 -3.26 8.86 -8.22
N ARG A 71 -2.46 8.66 -9.26
CA ARG A 71 -2.24 7.34 -9.83
C ARG A 71 -0.92 6.75 -9.33
N PHE A 72 -0.86 5.42 -9.31
CA PHE A 72 0.29 4.71 -8.79
C PHE A 72 0.69 3.59 -9.76
N THR A 73 1.91 3.08 -9.56
CA THR A 73 2.42 2.01 -10.42
C THR A 73 1.81 0.66 -10.08
N GLN A 74 1.39 0.46 -8.83
CA GLN A 74 0.89 -0.82 -8.38
C GLN A 74 -0.36 -0.62 -7.54
N LYS A 75 -1.00 -1.74 -7.18
CA LYS A 75 -2.12 -1.69 -6.25
C LYS A 75 -1.67 -1.80 -4.81
N SER A 76 -0.58 -2.51 -4.55
CA SER A 76 0.02 -2.49 -3.22
C SER A 76 0.41 -1.08 -2.83
N SER A 77 0.98 -0.32 -3.77
CA SER A 77 1.30 1.08 -3.51
C SER A 77 0.03 1.88 -3.27
N LEU A 78 -1.04 1.56 -3.99
CA LEU A 78 -2.30 2.27 -3.80
C LEU A 78 -3.01 1.83 -2.53
N ASN A 79 -2.87 0.57 -2.14
CA ASN A 79 -3.51 0.09 -0.92
C ASN A 79 -2.94 0.81 0.31
N VAL A 80 -1.62 0.94 0.38
CA VAL A 80 -1.01 1.61 1.52
C VAL A 80 -1.30 3.11 1.46
N HIS A 81 -1.53 3.65 0.27
CA HIS A 81 -1.89 5.06 0.16
C HIS A 81 -3.25 5.33 0.76
N MET A 82 -4.15 4.34 0.73
CA MET A 82 -5.49 4.53 1.27
C MET A 82 -5.50 4.68 2.78
N ARG A 83 -4.46 4.21 3.47
CA ARG A 83 -4.37 4.37 4.91
C ARG A 83 -4.16 5.81 5.33
N LEU A 84 -4.06 6.74 4.36
CA LEU A 84 -3.82 8.14 4.66
C LEU A 84 -5.06 9.01 4.51
N HIS A 85 -6.09 8.53 3.81
CA HIS A 85 -7.36 9.23 3.73
C HIS A 85 -8.24 8.95 4.94
N ARG A 86 -7.82 8.06 5.83
CA ARG A 86 -8.51 7.82 7.10
C ARG A 86 -7.46 7.86 8.22
N GLY A 87 -7.67 8.72 9.20
CA GLY A 87 -6.73 8.91 10.30
C GLY A 87 -7.40 9.38 11.57
N GLU A 88 -6.62 9.91 12.52
CA GLU A 88 -7.19 10.37 13.78
C GLU A 88 -8.04 11.62 13.56
N LYS A 89 -9.25 11.62 14.11
CA LYS A 89 -10.09 12.80 14.04
C LYS A 89 -9.51 13.92 14.90
N SER A 90 -10.01 15.13 14.67
CA SER A 90 -9.60 16.30 15.43
C SER A 90 -10.82 17.14 15.73
N TYR A 91 -10.94 17.57 17.00
CA TYR A 91 -12.01 18.48 17.37
C TYR A 91 -11.84 19.81 16.65
N GLU A 92 -12.95 20.53 16.50
CA GLU A 92 -12.98 21.80 15.80
C GLU A 92 -13.75 22.82 16.61
N CYS A 93 -13.08 23.88 17.03
CA CYS A 93 -13.78 25.01 17.64
C CYS A 93 -14.75 25.61 16.61
N TYR A 94 -16.03 25.68 16.98
CA TYR A 94 -17.03 26.17 16.05
C TYR A 94 -17.03 27.69 15.93
N ILE A 95 -16.04 28.38 16.50
CA ILE A 95 -15.92 29.82 16.39
C ILE A 95 -14.76 30.16 15.45
N CYS A 96 -13.54 29.92 15.90
CA CYS A 96 -12.35 30.26 15.12
C CYS A 96 -11.90 29.13 14.20
N LYS A 97 -12.61 28.00 14.20
CA LYS A 97 -12.36 26.87 13.30
C LYS A 97 -10.96 26.28 13.45
N LYS A 98 -10.32 26.49 14.60
CA LYS A 98 -9.05 25.83 14.86
C LYS A 98 -9.30 24.38 15.29
N LYS A 99 -8.26 23.56 15.17
CA LYS A 99 -8.35 22.15 15.48
C LYS A 99 -7.66 21.84 16.80
N PHE A 100 -8.15 20.79 17.48
CA PHE A 100 -7.60 20.37 18.75
C PHE A 100 -7.59 18.85 18.83
N SER A 101 -6.73 18.33 19.69
CA SER A 101 -6.52 16.89 19.80
C SER A 101 -7.11 16.28 21.06
N HIS A 102 -7.68 17.08 21.96
CA HIS A 102 -8.33 16.56 23.15
C HIS A 102 -9.52 17.44 23.49
N LYS A 103 -10.54 16.83 24.10
CA LYS A 103 -11.75 17.58 24.41
C LYS A 103 -11.50 18.63 25.50
N THR A 104 -10.76 18.26 26.54
CA THR A 104 -10.46 19.22 27.60
C THR A 104 -9.63 20.39 27.09
N LEU A 105 -8.98 20.24 25.93
CA LEU A 105 -8.30 21.37 25.32
C LEU A 105 -9.25 22.28 24.57
N LEU A 106 -10.31 21.71 23.96
CA LEU A 106 -11.30 22.53 23.29
C LEU A 106 -12.18 23.26 24.30
N GLU A 107 -12.51 22.60 25.41
CA GLU A 107 -13.33 23.25 26.43
C GLU A 107 -12.60 24.44 27.06
N ARG A 108 -11.28 24.30 27.26
CA ARG A 108 -10.51 25.41 27.78
C ARG A 108 -10.40 26.56 26.77
N HIS A 109 -10.41 26.23 25.48
CA HIS A 109 -10.31 27.26 24.45
C HIS A 109 -11.66 27.91 24.17
N VAL A 110 -12.73 27.12 24.15
CA VAL A 110 -14.07 27.68 23.95
C VAL A 110 -14.44 28.58 25.12
N ALA A 111 -14.02 28.21 26.33
CA ALA A 111 -14.24 29.06 27.49
C ALA A 111 -13.50 30.39 27.39
N LEU A 112 -12.52 30.49 26.49
CA LEU A 112 -11.84 31.77 26.29
C LEU A 112 -12.72 32.73 25.50
N HIS A 113 -13.36 32.24 24.43
CA HIS A 113 -14.29 33.07 23.67
C HIS A 113 -15.45 33.57 24.53
N SER A 114 -15.76 32.88 25.62
CA SER A 114 -16.89 33.27 26.46
C SER A 114 -16.53 34.44 27.39
N ALA A 115 -15.33 34.41 27.97
CA ALA A 115 -14.97 35.42 28.98
C ALA A 115 -14.82 36.81 28.35
N SER A 116 -14.25 36.88 27.14
CA SER A 116 -13.96 38.18 26.54
C SER A 116 -15.19 38.82 25.92
N ASN A 117 -16.15 38.03 25.45
CA ASN A 117 -17.32 38.57 24.78
C ASN A 117 -18.51 38.69 25.73
ZN ZN D . 13.67 -3.89 -17.37
ZN ZN E . 10.41 -23.54 0.61
ZN ZN F . -5.81 9.18 -2.49
ZN ZN G . -11.99 29.28 18.93
#